data_7CDX
#
_entry.id   7CDX
#
_cell.length_a   35.678
_cell.length_b   120.146
_cell.length_c   122.173
_cell.angle_alpha   90.000
_cell.angle_beta   90.000
_cell.angle_gamma   90.000
#
_symmetry.space_group_name_H-M   'P 21 21 21'
#
loop_
_entity.id
_entity.type
_entity.pdbx_description
1 polymer 'LacI-type transcription factor'
2 branched beta-D-fructofuranose-(2-1)-alpha-D-glucopyranose
3 water water
#
_entity_poly.entity_id   1
_entity_poly.type   'polypeptide(L)'
_entity_poly.pdbx_seq_one_letter_code
;MGSSHHHHHHSSGLVPRGSHMNDTGNSGRDEAKATTGERPTLKTIAYMTGLGITTVSRALKDAPDIGAETKERVRLIAQQ
IGYQPNRAGVRLRTGKTNVIALVLSVDEELMGFTSQMVFGITEVLATTQYHLVVTPHTHAKDSMVPIRYILETGSADGVI
ISKIEPNDPRVRFMTERKMPFVTHGRSDMGIEHAYHDFDNEAYAYEAVERLAQCGRKRIAIIVPPSRFAFHDHARKGFTR
GIRDFGVSEFPLDAITIETPLDKIRDFGKRLMQSDDRPDGIVSISGSSTIALVAGFEAAGVRIGKDIDIVSKQSAEFLNW
IQPQIHTVNEDIKLAGRELAKALLARINGAPPETLQSVSRPVWSSMAPKP
;
_entity_poly.pdbx_strand_id   A,B
#
# COMPACT_ATOMS: atom_id res chain seq x y z
N GLY A 95 30.32 12.91 10.36
CA GLY A 95 30.24 12.08 11.54
C GLY A 95 28.85 11.48 11.73
N LYS A 96 28.51 11.17 12.98
CA LYS A 96 27.20 10.62 13.33
C LYS A 96 26.07 11.53 12.86
N THR A 97 25.22 11.02 11.97
CA THR A 97 24.03 11.74 11.51
C THR A 97 22.80 11.19 12.21
N ASN A 98 22.94 9.94 12.68
CA ASN A 98 21.81 9.18 13.21
C ASN A 98 20.68 9.10 12.19
N VAL A 99 21.04 9.03 10.91
CA VAL A 99 20.03 8.88 9.86
C VAL A 99 20.27 7.60 9.11
N ILE A 100 19.19 6.83 8.92
CA ILE A 100 19.20 5.71 8.00
C ILE A 100 18.46 6.19 6.76
N ALA A 101 19.10 6.11 5.61
CA ALA A 101 18.43 6.54 4.38
C ALA A 101 17.79 5.33 3.72
N LEU A 102 16.46 5.37 3.56
CA LEU A 102 15.76 4.37 2.76
C LEU A 102 15.62 4.93 1.35
N VAL A 103 16.27 4.29 0.38
CA VAL A 103 16.22 4.77 -1.01
C VAL A 103 15.26 3.89 -1.77
N LEU A 104 14.17 4.50 -2.23
CA LEU A 104 13.12 3.78 -2.94
C LEU A 104 12.88 4.36 -4.32
N SER A 105 12.84 3.51 -5.33
CA SER A 105 12.23 3.93 -6.60
C SER A 105 10.75 4.34 -6.41
N VAL A 106 10.39 5.53 -6.90
CA VAL A 106 9.00 6.01 -6.95
C VAL A 106 8.09 5.09 -7.79
N ASP A 107 8.69 4.40 -8.75
CA ASP A 107 7.99 3.41 -9.57
C ASP A 107 7.88 2.07 -8.85
N GLU A 108 6.78 1.88 -8.12
CA GLU A 108 6.50 0.65 -7.40
C GLU A 108 5.14 0.15 -7.87
N GLU A 109 4.74 -1.02 -7.37
CA GLU A 109 3.48 -1.64 -7.76
C GLU A 109 2.29 -1.17 -6.89
N LEU A 110 1.07 -1.32 -7.44
CA LEU A 110 -0.15 -0.99 -6.74
C LEU A 110 -0.17 -1.64 -5.36
N MET A 111 0.06 -2.96 -5.35
CA MET A 111 0.02 -3.73 -4.12
C MET A 111 1.40 -4.02 -3.53
N GLY A 112 2.25 -3.00 -3.42
CA GLY A 112 3.59 -3.16 -2.85
C GLY A 112 3.57 -3.12 -1.33
N PHE A 113 2.50 -2.54 -0.77
CA PHE A 113 2.39 -2.36 0.68
C PHE A 113 3.70 -1.81 1.25
N THR A 114 4.21 -0.79 0.59
CA THR A 114 5.55 -0.28 0.86
C THR A 114 5.70 0.20 2.30
N SER A 115 4.64 0.81 2.82
CA SER A 115 4.65 1.31 4.19
C SER A 115 4.81 0.17 5.20
N GLN A 116 4.34 -1.03 4.88
CA GLN A 116 4.58 -2.17 5.80
C GLN A 116 6.10 -2.38 5.94
N MET A 117 6.82 -2.25 4.84
CA MET A 117 8.28 -2.29 4.87
C MET A 117 8.82 -1.14 5.71
N VAL A 118 8.31 0.08 5.47
CA VAL A 118 8.77 1.24 6.26
C VAL A 118 8.58 1.01 7.77
N PHE A 119 7.40 0.53 8.14
CA PHE A 119 7.07 0.27 9.55
C PHE A 119 7.93 -0.83 10.20
N GLY A 120 8.25 -1.88 9.46
CA GLY A 120 9.17 -2.89 9.99
C GLY A 120 10.54 -2.30 10.32
N ILE A 121 11.06 -1.46 9.43
CA ILE A 121 12.33 -0.79 9.67
C ILE A 121 12.20 0.08 10.93
N THR A 122 11.16 0.90 10.94
CA THR A 122 11.04 1.90 11.99
C THR A 122 10.76 1.26 13.36
N GLU A 123 10.05 0.14 13.37
CA GLU A 123 9.81 -0.59 14.61
C GLU A 123 11.13 -1.01 15.26
N VAL A 124 12.09 -1.41 14.43
CA VAL A 124 13.42 -1.79 14.94
C VAL A 124 14.21 -0.57 15.38
N LEU A 125 14.06 0.53 14.65
CA LEU A 125 14.91 1.70 14.89
C LEU A 125 14.40 2.44 16.13
N ALA A 126 13.18 2.14 16.55
CA ALA A 126 12.59 2.84 17.71
C ALA A 126 13.37 2.58 19.02
N THR A 127 14.07 1.45 19.09
CA THR A 127 14.85 1.15 20.27
C THR A 127 16.22 1.80 20.20
N THR A 128 16.41 2.70 19.23
CA THR A 128 17.70 3.30 18.94
C THR A 128 17.58 4.81 18.72
N GLN A 129 18.70 5.48 18.44
CA GLN A 129 18.68 6.93 18.27
C GLN A 129 18.63 7.33 16.79
N TYR A 130 18.35 6.34 15.93
CA TYR A 130 18.27 6.54 14.48
C TYR A 130 16.91 7.04 13.95
N HIS A 131 16.99 8.00 13.02
CA HIS A 131 15.84 8.52 12.27
C HIS A 131 15.80 7.94 10.85
N LEU A 132 14.62 7.60 10.35
CA LEU A 132 14.48 7.07 8.97
C LEU A 132 14.07 8.15 7.97
N VAL A 133 14.96 8.46 7.03
CA VAL A 133 14.67 9.41 5.95
C VAL A 133 14.32 8.64 4.70
N VAL A 134 13.17 8.94 4.09
CA VAL A 134 12.81 8.32 2.81
C VAL A 134 13.31 9.17 1.65
N THR A 135 14.18 8.61 0.83
CA THR A 135 14.78 9.34 -0.29
C THR A 135 14.38 8.69 -1.60
N PRO A 136 13.45 9.32 -2.35
CA PRO A 136 12.97 8.75 -3.60
C PRO A 136 13.89 9.05 -4.77
N HIS A 137 13.86 8.17 -5.77
CA HIS A 137 14.33 8.55 -7.10
C HIS A 137 13.25 8.09 -8.08
N THR A 138 13.14 8.74 -9.24
CA THR A 138 11.96 8.53 -10.08
C THR A 138 12.00 7.26 -10.94
N HIS A 139 13.17 6.97 -11.52
CA HIS A 139 13.30 5.94 -12.56
C HIS A 139 14.71 5.32 -12.58
N ALA A 140 15.06 4.68 -13.70
CA ALA A 140 16.38 4.02 -13.82
C ALA A 140 17.51 5.02 -14.07
N LYS A 141 17.25 6.01 -14.93
CA LYS A 141 18.24 7.02 -15.28
C LYS A 141 18.75 7.84 -14.07
N ASP A 142 18.00 7.84 -12.96
CA ASP A 142 18.49 8.53 -11.76
C ASP A 142 18.74 7.62 -10.55
N SER A 143 18.77 6.31 -10.77
CA SER A 143 19.05 5.32 -9.72
C SER A 143 20.29 5.64 -8.87
N MET A 144 21.38 6.05 -9.53
CA MET A 144 22.62 6.38 -8.82
C MET A 144 22.62 7.78 -8.20
N VAL A 145 21.71 8.65 -8.65
CA VAL A 145 21.65 10.01 -8.12
C VAL A 145 21.54 10.09 -6.59
N PRO A 146 20.54 9.38 -5.99
CA PRO A 146 20.44 9.59 -4.54
C PRO A 146 21.64 8.99 -3.81
N ILE A 147 22.20 7.91 -4.34
CA ILE A 147 23.34 7.25 -3.71
C ILE A 147 24.56 8.18 -3.72
N ARG A 148 24.90 8.71 -4.90
CA ARG A 148 25.98 9.68 -5.01
C ARG A 148 25.71 10.86 -4.07
N TYR A 149 24.46 11.32 -4.05
CA TYR A 149 24.09 12.46 -3.22
C TYR A 149 24.19 12.20 -1.71
N ILE A 150 23.86 10.99 -1.26
CA ILE A 150 24.05 10.65 0.16
C ILE A 150 25.54 10.73 0.49
N LEU A 151 26.39 10.09 -0.33
CA LEU A 151 27.83 10.07 -0.07
C LEU A 151 28.52 11.43 -0.20
N GLU A 152 28.11 12.21 -1.19
CA GLU A 152 28.63 13.55 -1.39
C GLU A 152 28.31 14.52 -0.21
N THR A 153 27.12 14.40 0.36
CA THR A 153 26.72 15.28 1.46
C THR A 153 26.96 14.66 2.84
N GLY A 154 27.23 13.35 2.88
CA GLY A 154 27.42 12.66 4.14
C GLY A 154 26.14 12.73 4.97
N SER A 155 25.02 12.44 4.33
CA SER A 155 23.69 12.70 4.91
C SER A 155 23.10 11.56 5.74
N ALA A 156 23.76 10.40 5.71
CA ALA A 156 23.23 9.19 6.32
C ALA A 156 24.37 8.38 6.90
N ASP A 157 24.13 7.65 7.99
CA ASP A 157 25.15 6.72 8.50
C ASP A 157 25.04 5.33 7.84
N GLY A 158 23.93 5.07 7.17
CA GLY A 158 23.71 3.79 6.50
C GLY A 158 22.59 3.87 5.48
N VAL A 159 22.63 3.00 4.48
CA VAL A 159 21.67 3.11 3.37
C VAL A 159 20.92 1.80 3.17
N ILE A 160 19.61 1.86 2.91
CA ILE A 160 18.87 0.67 2.47
C ILE A 160 18.50 0.82 0.99
N ILE A 161 18.84 -0.17 0.15
CA ILE A 161 18.43 -0.12 -1.26
C ILE A 161 17.70 -1.38 -1.67
N SER A 162 16.96 -1.29 -2.78
CA SER A 162 16.28 -2.47 -3.30
C SER A 162 16.36 -2.47 -4.81
N LYS A 163 15.60 -3.37 -5.43
CA LYS A 163 15.66 -3.58 -6.88
C LYS A 163 17.12 -3.88 -7.26
N ILE A 164 17.66 -4.90 -6.61
CA ILE A 164 19.07 -5.24 -6.77
C ILE A 164 19.37 -5.99 -8.09
N GLU A 165 20.42 -5.54 -8.79
CA GLU A 165 20.90 -6.21 -10.00
C GLU A 165 22.07 -7.11 -9.63
N PRO A 166 22.27 -8.22 -10.36
CA PRO A 166 23.44 -9.08 -10.05
C PRO A 166 24.74 -8.27 -10.02
N ASN A 167 24.91 -7.31 -10.94
CA ASN A 167 26.09 -6.44 -10.98
C ASN A 167 25.69 -5.00 -10.69
N ASP A 168 25.45 -4.71 -9.41
CA ASP A 168 24.80 -3.45 -9.04
C ASP A 168 25.82 -2.37 -8.73
N PRO A 169 25.78 -1.27 -9.49
CA PRO A 169 26.75 -0.18 -9.33
C PRO A 169 26.57 0.52 -7.98
N ARG A 170 25.35 0.46 -7.42
CA ARG A 170 25.16 1.06 -6.11
C ARG A 170 25.95 0.25 -5.08
N VAL A 171 25.75 -1.07 -5.06
CA VAL A 171 26.49 -1.97 -4.16
C VAL A 171 28.00 -1.73 -4.27
N ARG A 172 28.50 -1.64 -5.50
CA ARG A 172 29.94 -1.44 -5.70
C ARG A 172 30.43 -0.06 -5.21
N PHE A 173 29.73 0.99 -5.62
CA PHE A 173 30.00 2.36 -5.18
C PHE A 173 30.00 2.49 -3.64
N MET A 174 28.98 1.93 -2.95
CA MET A 174 28.95 2.07 -1.48
C MET A 174 29.99 1.17 -0.80
N THR A 175 30.29 0.04 -1.41
CA THR A 175 31.34 -0.80 -0.86
C THR A 175 32.67 -0.04 -0.90
N GLU A 176 33.03 0.47 -2.08
CA GLU A 176 34.26 1.22 -2.28
C GLU A 176 34.34 2.44 -1.37
N ARG A 177 33.22 3.15 -1.24
CA ARG A 177 33.22 4.39 -0.50
C ARG A 177 33.00 4.16 1.00
N LYS A 178 32.90 2.90 1.42
CA LYS A 178 32.76 2.55 2.84
C LYS A 178 31.49 3.13 3.51
N MET A 179 30.39 3.19 2.76
CA MET A 179 29.10 3.56 3.32
C MET A 179 28.37 2.29 3.73
N PRO A 180 28.08 2.14 5.04
CA PRO A 180 27.34 0.93 5.44
C PRO A 180 25.99 0.87 4.71
N PHE A 181 25.62 -0.32 4.24
CA PHE A 181 24.38 -0.48 3.49
C PHE A 181 23.82 -1.89 3.65
N VAL A 182 22.54 -2.06 3.31
CA VAL A 182 21.93 -3.39 3.28
C VAL A 182 21.04 -3.41 2.08
N THR A 183 20.92 -4.56 1.45
CA THR A 183 20.12 -4.65 0.24
C THR A 183 18.91 -5.49 0.53
N HIS A 184 17.77 -5.07 0.03
CA HIS A 184 16.61 -5.93 -0.04
C HIS A 184 16.67 -6.66 -1.38
N GLY A 185 17.19 -7.88 -1.38
CA GLY A 185 17.58 -8.55 -2.62
C GLY A 185 19.05 -8.93 -2.51
N ARG A 186 19.59 -9.59 -3.54
CA ARG A 186 20.97 -10.09 -3.52
C ARG A 186 21.71 -9.78 -4.80
N SER A 187 22.95 -9.33 -4.67
CA SER A 187 23.80 -9.15 -5.86
C SER A 187 24.62 -10.44 -6.06
N ASP A 188 25.38 -10.50 -7.14
CA ASP A 188 26.16 -11.69 -7.43
C ASP A 188 27.40 -11.22 -8.17
N MET A 189 28.29 -10.57 -7.42
CA MET A 189 29.42 -9.85 -8.00
C MET A 189 30.64 -10.01 -7.12
N GLY A 190 30.62 -11.01 -6.25
CA GLY A 190 31.76 -11.29 -5.41
C GLY A 190 31.95 -10.25 -4.32
N ILE A 191 30.87 -9.58 -3.93
CA ILE A 191 30.92 -8.67 -2.80
C ILE A 191 30.03 -9.18 -1.68
N GLU A 192 30.63 -9.44 -0.52
CA GLU A 192 29.85 -9.87 0.63
C GLU A 192 29.31 -8.64 1.37
N HIS A 193 27.99 -8.42 1.27
CA HIS A 193 27.32 -7.32 1.98
C HIS A 193 26.09 -7.81 2.73
N ALA A 194 25.66 -7.04 3.74
CA ALA A 194 24.44 -7.35 4.48
C ALA A 194 23.26 -7.40 3.52
N TYR A 195 22.37 -8.38 3.70
CA TYR A 195 21.17 -8.44 2.87
C TYR A 195 19.99 -9.21 3.47
N HIS A 196 18.81 -8.93 2.92
CA HIS A 196 17.64 -9.79 3.17
C HIS A 196 16.91 -9.93 1.86
N ASP A 197 16.48 -11.15 1.55
CA ASP A 197 15.76 -11.39 0.30
C ASP A 197 14.68 -12.44 0.51
N PHE A 198 13.74 -12.50 -0.41
CA PHE A 198 12.74 -13.55 -0.46
C PHE A 198 13.26 -14.57 -1.46
N ASP A 199 13.02 -15.85 -1.18
CA ASP A 199 13.54 -16.90 -2.07
C ASP A 199 12.61 -17.03 -3.28
N ASN A 200 12.76 -16.14 -4.25
CA ASN A 200 11.92 -16.19 -5.46
C ASN A 200 12.14 -17.46 -6.27
N GLU A 201 13.35 -18.01 -6.23
CA GLU A 201 13.58 -19.30 -6.90
C GLU A 201 12.70 -20.39 -6.29
N ALA A 202 12.78 -20.57 -4.98
CA ALA A 202 11.96 -21.59 -4.33
C ALA A 202 10.48 -21.32 -4.61
N TYR A 203 10.09 -20.04 -4.59
CA TYR A 203 8.69 -19.70 -4.86
C TYR A 203 8.24 -20.20 -6.24
N ALA A 204 8.99 -19.88 -7.28
CA ALA A 204 8.58 -20.27 -8.63
C ALA A 204 8.63 -21.79 -8.84
N TYR A 205 9.56 -22.45 -8.17
CA TYR A 205 9.67 -23.91 -8.21
C TYR A 205 8.45 -24.55 -7.54
N GLU A 206 8.15 -24.11 -6.32
CA GLU A 206 6.97 -24.64 -5.59
C GLU A 206 5.66 -24.25 -6.27
N ALA A 207 5.65 -23.14 -7.00
CA ALA A 207 4.46 -22.75 -7.75
C ALA A 207 4.17 -23.75 -8.88
N VAL A 208 5.19 -24.10 -9.64
CA VAL A 208 5.04 -25.11 -10.71
C VAL A 208 4.55 -26.43 -10.14
N GLU A 209 5.15 -26.86 -9.03
CA GLU A 209 4.78 -28.11 -8.38
C GLU A 209 3.28 -28.14 -8.08
N ARG A 210 2.80 -27.09 -7.39
CA ARG A 210 1.39 -26.95 -7.04
C ARG A 210 0.43 -27.00 -8.22
N LEU A 211 0.75 -26.28 -9.29
CA LEU A 211 -0.08 -26.35 -10.50
C LEU A 211 -0.08 -27.79 -11.01
N ALA A 212 1.10 -28.41 -11.05
CA ALA A 212 1.20 -29.83 -11.42
C ALA A 212 0.33 -30.74 -10.53
N GLN A 213 0.27 -30.46 -9.23
CA GLN A 213 -0.62 -31.18 -8.32
C GLN A 213 -2.11 -30.91 -8.59
N CYS A 214 -2.41 -29.78 -9.23
CA CYS A 214 -3.79 -29.40 -9.52
C CYS A 214 -4.25 -30.03 -10.83
N GLY A 215 -3.37 -30.80 -11.45
CA GLY A 215 -3.67 -31.46 -12.70
C GLY A 215 -3.16 -30.69 -13.92
N ARG A 216 -2.60 -29.51 -13.67
CA ARG A 216 -2.23 -28.59 -14.73
C ARG A 216 -1.01 -29.05 -15.56
N LYS A 217 -1.05 -28.76 -16.86
CA LYS A 217 -0.12 -29.35 -17.83
C LYS A 217 0.68 -28.35 -18.68
N ARG A 218 0.18 -27.12 -18.75
CA ARG A 218 0.83 -26.08 -19.56
C ARG A 218 0.92 -24.77 -18.75
N ILE A 219 2.13 -24.42 -18.32
CA ILE A 219 2.31 -23.34 -17.36
C ILE A 219 2.99 -22.10 -17.95
N ALA A 220 2.40 -20.93 -17.71
CA ALA A 220 3.02 -19.67 -18.09
C ALA A 220 3.50 -18.98 -16.83
N ILE A 221 4.47 -18.09 -16.96
CA ILE A 221 4.92 -17.28 -15.84
C ILE A 221 5.04 -15.83 -16.31
N ILE A 222 4.76 -14.90 -15.40
CA ILE A 222 4.92 -13.48 -15.65
C ILE A 222 6.06 -13.05 -14.73
N VAL A 223 7.16 -12.60 -15.33
CA VAL A 223 8.40 -12.32 -14.60
C VAL A 223 8.72 -10.81 -14.58
N PRO A 224 9.62 -10.37 -13.67
CA PRO A 224 10.10 -8.97 -13.67
C PRO A 224 10.89 -8.65 -14.93
N PRO A 225 11.29 -7.37 -15.11
CA PRO A 225 12.29 -7.07 -16.14
C PRO A 225 13.58 -7.82 -15.83
N SER A 226 14.30 -8.25 -16.87
CA SER A 226 15.40 -9.21 -16.70
C SER A 226 16.62 -8.65 -15.99
N ARG A 227 16.73 -7.34 -15.90
CA ARG A 227 17.89 -6.74 -15.27
C ARG A 227 18.04 -6.96 -13.74
N PHE A 228 16.94 -7.21 -13.07
CA PHE A 228 16.96 -7.44 -11.63
C PHE A 228 17.27 -8.89 -11.29
N ALA A 229 18.03 -9.09 -10.21
CA ALA A 229 18.43 -10.43 -9.81
C ALA A 229 17.22 -11.37 -9.57
N PHE A 230 16.16 -10.88 -8.92
CA PHE A 230 15.04 -11.77 -8.62
C PHE A 230 14.30 -12.32 -9.86
N HIS A 231 14.39 -11.64 -10.99
CA HIS A 231 13.94 -12.22 -12.27
C HIS A 231 14.65 -13.54 -12.60
N ASP A 232 15.98 -13.57 -12.43
CA ASP A 232 16.76 -14.77 -12.71
C ASP A 232 16.50 -15.87 -11.69
N HIS A 233 16.15 -15.46 -10.48
CA HIS A 233 15.85 -16.44 -9.44
C HIS A 233 14.53 -17.13 -9.80
N ALA A 234 13.52 -16.29 -10.05
CA ALA A 234 12.20 -16.77 -10.46
C ALA A 234 12.26 -17.63 -11.73
N ARG A 235 12.87 -17.09 -12.78
CA ARG A 235 13.00 -17.79 -14.06
C ARG A 235 13.70 -19.16 -13.89
N LYS A 236 14.74 -19.18 -13.05
CA LYS A 236 15.46 -20.42 -12.75
C LYS A 236 14.59 -21.45 -12.03
N GLY A 237 13.84 -20.98 -11.04
CA GLY A 237 13.03 -21.88 -10.24
C GLY A 237 11.93 -22.47 -11.09
N PHE A 238 11.42 -21.66 -12.00
CA PHE A 238 10.34 -22.06 -12.89
C PHE A 238 10.85 -23.09 -13.91
N THR A 239 12.00 -22.82 -14.52
CA THR A 239 12.55 -23.69 -15.55
C THR A 239 12.88 -25.06 -14.94
N ARG A 240 13.47 -25.04 -13.75
CA ARG A 240 13.76 -26.26 -13.01
C ARG A 240 12.46 -27.00 -12.68
N GLY A 241 11.42 -26.25 -12.34
CA GLY A 241 10.14 -26.87 -12.01
C GLY A 241 9.41 -27.54 -13.17
N ILE A 242 9.38 -26.88 -14.32
CA ILE A 242 8.79 -27.42 -15.54
C ILE A 242 9.43 -28.78 -15.91
N ARG A 243 10.72 -28.92 -15.61
CA ARG A 243 11.43 -30.19 -15.82
C ARG A 243 11.11 -31.23 -14.73
N ASP A 244 11.30 -30.87 -13.46
CA ASP A 244 11.12 -31.82 -12.35
C ASP A 244 9.68 -32.34 -12.17
N PHE A 245 8.69 -31.65 -12.73
CA PHE A 245 7.30 -32.03 -12.48
C PHE A 245 6.58 -32.48 -13.74
N GLY A 246 7.36 -32.69 -14.81
CA GLY A 246 6.86 -33.31 -16.03
C GLY A 246 5.69 -32.57 -16.62
N VAL A 247 5.86 -31.25 -16.72
CA VAL A 247 4.86 -30.40 -17.34
C VAL A 247 5.60 -29.59 -18.41
N SER A 248 4.89 -28.73 -19.13
CA SER A 248 5.58 -27.93 -20.14
C SER A 248 5.29 -26.44 -20.00
N GLU A 249 6.22 -25.62 -20.46
CA GLU A 249 6.01 -24.17 -20.43
C GLU A 249 5.14 -23.68 -21.58
N PHE A 250 4.11 -22.93 -21.25
CA PHE A 250 3.42 -22.11 -22.24
C PHE A 250 4.22 -20.81 -22.33
N PRO A 251 4.81 -20.54 -23.50
CA PRO A 251 5.66 -19.37 -23.70
C PRO A 251 4.93 -18.04 -23.52
N LEU A 252 5.60 -17.08 -22.89
CA LEU A 252 5.03 -15.76 -22.62
C LEU A 252 6.15 -14.71 -22.61
N ASP A 253 6.06 -13.76 -23.52
CA ASP A 253 7.05 -12.69 -23.65
C ASP A 253 6.38 -11.33 -23.57
N ALA A 254 5.06 -11.33 -23.79
CA ALA A 254 4.31 -10.09 -23.97
C ALA A 254 4.47 -9.11 -22.82
N ILE A 255 4.08 -9.52 -21.62
CA ILE A 255 4.03 -8.61 -20.49
C ILE A 255 5.14 -8.91 -19.49
N THR A 256 5.29 -8.03 -18.49
CA THR A 256 6.11 -8.31 -17.31
C THR A 256 5.38 -7.84 -16.06
N ILE A 257 6.10 -7.92 -14.93
CA ILE A 257 5.62 -7.52 -13.61
C ILE A 257 5.44 -6.00 -13.51
N GLU A 258 6.15 -5.28 -14.36
CA GLU A 258 6.13 -3.81 -14.35
C GLU A 258 5.30 -3.24 -15.49
N THR A 259 4.71 -4.13 -16.30
CA THR A 259 3.83 -3.75 -17.38
C THR A 259 2.48 -3.24 -16.83
N PRO A 260 1.99 -2.12 -17.38
CA PRO A 260 0.71 -1.46 -17.06
C PRO A 260 -0.44 -2.43 -16.79
N LEU A 261 -1.23 -2.20 -15.73
CA LEU A 261 -2.30 -3.14 -15.34
C LEU A 261 -3.43 -3.24 -16.37
N ASP A 262 -3.86 -2.09 -16.87
CA ASP A 262 -4.92 -2.05 -17.87
C ASP A 262 -4.53 -2.95 -19.07
N LYS A 263 -3.23 -3.00 -19.40
CA LYS A 263 -2.73 -3.83 -20.50
C LYS A 263 -2.47 -5.28 -20.12
N ILE A 264 -2.12 -5.54 -18.85
CA ILE A 264 -2.08 -6.92 -18.35
C ILE A 264 -3.49 -7.51 -18.51
N ARG A 265 -4.48 -6.74 -18.06
CA ARG A 265 -5.89 -7.12 -18.15
C ARG A 265 -6.34 -7.44 -19.58
N ASP A 266 -6.08 -6.51 -20.50
CA ASP A 266 -6.39 -6.78 -21.89
C ASP A 266 -5.65 -8.04 -22.39
N PHE A 267 -4.36 -8.16 -22.06
CA PHE A 267 -3.57 -9.33 -22.44
C PHE A 267 -4.19 -10.62 -21.92
N GLY A 268 -4.57 -10.63 -20.64
CA GLY A 268 -5.19 -11.80 -20.05
C GLY A 268 -6.50 -12.15 -20.73
N LYS A 269 -7.24 -11.15 -21.16
CA LYS A 269 -8.52 -11.41 -21.83
C LYS A 269 -8.34 -12.10 -23.18
N ARG A 270 -7.43 -11.59 -23.99
CA ARG A 270 -7.20 -12.15 -25.30
C ARG A 270 -6.56 -13.49 -25.20
N LEU A 271 -5.81 -13.73 -24.16
CA LEU A 271 -5.10 -14.99 -23.96
C LEU A 271 -6.10 -16.14 -23.80
N MET A 272 -7.17 -15.89 -23.07
CA MET A 272 -8.20 -16.91 -22.84
C MET A 272 -9.33 -16.87 -23.89
N GLN A 273 -9.08 -16.17 -24.99
CA GLN A 273 -9.98 -16.21 -26.16
C GLN A 273 -9.22 -16.85 -27.31
N SER A 274 -7.91 -17.02 -27.10
CA SER A 274 -7.07 -17.78 -28.01
C SER A 274 -7.47 -19.26 -27.94
N ASP A 275 -7.19 -19.99 -29.01
CA ASP A 275 -7.44 -21.42 -29.02
C ASP A 275 -6.30 -22.14 -28.31
N ASP A 276 -5.11 -21.56 -28.41
CA ASP A 276 -3.95 -21.98 -27.65
C ASP A 276 -3.87 -21.21 -26.33
N ARG A 277 -4.15 -21.89 -25.22
CA ARG A 277 -4.08 -21.23 -23.91
C ARG A 277 -3.53 -22.16 -22.83
N PRO A 278 -2.90 -21.58 -21.81
CA PRO A 278 -2.35 -22.38 -20.70
C PRO A 278 -3.42 -22.73 -19.66
N ASP A 279 -3.12 -23.66 -18.76
CA ASP A 279 -4.04 -23.99 -17.67
C ASP A 279 -3.51 -23.55 -16.32
N GLY A 280 -2.23 -23.18 -16.28
CA GLY A 280 -1.62 -22.65 -15.06
C GLY A 280 -0.89 -21.33 -15.26
N ILE A 281 -0.87 -20.51 -14.22
CA ILE A 281 -0.12 -19.27 -14.28
C ILE A 281 0.70 -19.09 -13.00
N VAL A 282 2.00 -18.83 -13.14
CA VAL A 282 2.79 -18.35 -12.01
C VAL A 282 3.01 -16.85 -12.13
N SER A 283 2.56 -16.09 -11.14
CA SER A 283 2.78 -14.65 -11.15
C SER A 283 3.80 -14.24 -10.08
N ILE A 284 4.68 -13.31 -10.40
CA ILE A 284 5.66 -12.80 -9.42
C ILE A 284 5.21 -11.44 -8.85
N SER A 285 3.91 -11.11 -9.03
CA SER A 285 3.34 -9.87 -8.48
C SER A 285 1.88 -10.03 -8.17
N GLY A 286 1.48 -9.67 -6.95
CA GLY A 286 0.08 -9.67 -6.59
C GLY A 286 -0.68 -8.64 -7.42
N SER A 287 0.00 -7.54 -7.77
CA SER A 287 -0.59 -6.51 -8.62
C SER A 287 -0.90 -7.02 -10.03
N SER A 288 0.07 -7.68 -10.65
CA SER A 288 -0.13 -8.24 -11.99
C SER A 288 -1.24 -9.29 -12.01
N THR A 289 -1.36 -10.03 -10.90
CA THR A 289 -2.35 -11.10 -10.74
C THR A 289 -3.79 -10.57 -10.69
N ILE A 290 -3.98 -9.51 -9.92
CA ILE A 290 -5.25 -8.78 -9.89
C ILE A 290 -5.74 -8.44 -11.30
N ALA A 291 -4.89 -7.77 -12.09
CA ALA A 291 -5.24 -7.39 -13.45
C ALA A 291 -5.47 -8.62 -14.34
N LEU A 292 -4.60 -9.63 -14.18
CA LEU A 292 -4.69 -10.86 -14.98
C LEU A 292 -6.04 -11.57 -14.79
N VAL A 293 -6.46 -11.68 -13.53
CA VAL A 293 -7.72 -12.34 -13.19
C VAL A 293 -8.95 -11.59 -13.75
N ALA A 294 -8.97 -10.27 -13.56
CA ALA A 294 -9.98 -9.41 -14.18
C ALA A 294 -10.14 -9.69 -15.67
N GLY A 295 -9.02 -9.76 -16.39
CA GLY A 295 -9.03 -10.11 -17.80
C GLY A 295 -9.50 -11.53 -18.08
N PHE A 296 -9.14 -12.48 -17.21
CA PHE A 296 -9.58 -13.87 -17.37
C PHE A 296 -11.10 -13.97 -17.24
N GLU A 297 -11.63 -13.49 -16.12
CA GLU A 297 -13.08 -13.45 -15.91
C GLU A 297 -13.83 -12.74 -17.04
N ALA A 298 -13.26 -11.66 -17.56
CA ALA A 298 -13.87 -10.93 -18.66
C ALA A 298 -14.04 -11.80 -19.91
N ALA A 299 -13.37 -12.95 -19.94
CA ALA A 299 -13.49 -13.87 -21.06
C ALA A 299 -14.15 -15.18 -20.65
N GLY A 300 -15.01 -15.11 -19.63
CA GLY A 300 -15.78 -16.27 -19.22
C GLY A 300 -15.03 -17.36 -18.46
N VAL A 301 -13.78 -17.07 -18.11
CA VAL A 301 -12.91 -18.04 -17.44
C VAL A 301 -13.11 -18.07 -15.92
N ARG A 302 -13.21 -19.23 -15.33
CA ARG A 302 -13.43 -19.31 -13.91
C ARG A 302 -12.17 -19.84 -13.22
N ILE A 303 -11.65 -19.07 -12.26
CA ILE A 303 -10.43 -19.36 -11.50
C ILE A 303 -10.64 -20.66 -10.71
N GLY A 304 -9.77 -21.63 -10.87
CA GLY A 304 -9.98 -22.88 -10.18
C GLY A 304 -10.62 -23.89 -11.07
N LYS A 305 -11.38 -23.43 -12.04
CA LYS A 305 -12.00 -24.36 -12.94
C LYS A 305 -11.15 -24.37 -14.13
N ASP A 306 -11.44 -23.56 -15.14
CA ASP A 306 -10.67 -23.47 -16.38
C ASP A 306 -9.14 -23.24 -16.32
N ILE A 307 -8.63 -22.66 -15.24
CA ILE A 307 -7.23 -22.30 -15.05
C ILE A 307 -6.89 -22.14 -13.55
N ASP A 308 -5.70 -22.57 -13.16
CA ASP A 308 -5.21 -22.33 -11.79
C ASP A 308 -4.09 -21.27 -11.75
N ILE A 309 -4.07 -20.46 -10.69
CA ILE A 309 -3.11 -19.36 -10.55
C ILE A 309 -2.35 -19.47 -9.25
N VAL A 310 -1.02 -19.40 -9.32
CA VAL A 310 -0.22 -19.22 -8.12
C VAL A 310 0.31 -17.80 -8.11
N SER A 311 0.17 -17.10 -6.99
CA SER A 311 0.73 -15.75 -6.90
C SER A 311 1.40 -15.44 -5.56
N LYS A 312 2.47 -14.66 -5.61
CA LYS A 312 3.01 -13.99 -4.42
C LYS A 312 2.06 -12.85 -4.04
N GLN A 313 2.11 -12.43 -2.78
CA GLN A 313 1.49 -11.17 -2.37
C GLN A 313 2.29 -10.62 -1.20
N SER A 314 2.39 -9.31 -1.10
CA SER A 314 3.20 -8.70 -0.04
C SER A 314 2.37 -8.35 1.20
N ALA A 315 1.09 -8.66 1.12
CA ALA A 315 0.20 -8.65 2.29
C ALA A 315 -0.96 -9.60 1.98
N GLU A 316 -1.74 -9.97 2.99
CA GLU A 316 -2.85 -10.90 2.78
C GLU A 316 -4.04 -10.20 2.15
N PHE A 317 -4.13 -10.20 0.83
CA PHE A 317 -5.28 -9.56 0.17
C PHE A 317 -5.99 -10.39 -0.90
N LEU A 318 -5.23 -11.19 -1.67
CA LEU A 318 -5.76 -11.83 -2.88
C LEU A 318 -6.93 -12.78 -2.62
N ASN A 319 -7.02 -13.38 -1.43
CA ASN A 319 -8.05 -14.40 -1.19
C ASN A 319 -9.44 -13.85 -0.78
N TRP A 320 -9.54 -12.59 -0.34
CA TRP A 320 -10.83 -12.01 -0.04
C TRP A 320 -11.48 -11.90 -1.37
N ILE A 321 -10.65 -11.33 -2.20
CA ILE A 321 -10.81 -11.03 -3.56
C ILE A 321 -11.09 -12.27 -4.42
N GLN A 322 -10.30 -13.33 -4.38
CA GLN A 322 -10.46 -14.59 -5.13
C GLN A 322 -9.87 -15.75 -4.34
N PRO A 323 -10.70 -16.52 -3.59
CA PRO A 323 -10.25 -17.55 -2.65
C PRO A 323 -9.64 -18.72 -3.40
N GLN A 324 -9.85 -18.77 -4.71
CA GLN A 324 -9.34 -19.86 -5.55
C GLN A 324 -7.88 -19.67 -6.04
N ILE A 325 -7.33 -18.48 -5.84
CA ILE A 325 -5.91 -18.20 -6.15
C ILE A 325 -4.99 -18.87 -5.12
N HIS A 326 -4.03 -19.68 -5.59
CA HIS A 326 -3.04 -20.29 -4.68
C HIS A 326 -2.02 -19.25 -4.26
N THR A 327 -2.11 -18.81 -3.01
CA THR A 327 -1.36 -17.65 -2.54
C THR A 327 -0.13 -17.96 -1.69
N VAL A 328 0.94 -17.23 -1.99
CA VAL A 328 2.17 -17.33 -1.20
C VAL A 328 2.45 -15.96 -0.59
N ASN A 329 2.69 -15.94 0.70
CA ASN A 329 2.94 -14.70 1.41
C ASN A 329 4.40 -14.32 1.42
N GLU A 330 4.71 -13.11 0.97
CA GLU A 330 6.03 -12.55 1.15
C GLU A 330 5.88 -11.53 2.28
N ASP A 331 6.57 -11.75 3.40
CA ASP A 331 6.40 -10.92 4.57
C ASP A 331 7.20 -9.62 4.49
N ILE A 332 6.59 -8.60 3.91
CA ILE A 332 7.27 -7.32 3.68
C ILE A 332 7.62 -6.57 4.98
N LYS A 333 6.78 -6.73 6.01
CA LYS A 333 7.07 -6.16 7.34
C LYS A 333 8.29 -6.85 7.95
N LEU A 334 8.32 -8.19 7.90
CA LEU A 334 9.51 -8.93 8.36
C LEU A 334 10.75 -8.46 7.61
N ALA A 335 10.61 -8.31 6.30
CA ALA A 335 11.75 -7.86 5.49
C ALA A 335 12.26 -6.52 6.03
N GLY A 336 11.34 -5.58 6.27
CA GLY A 336 11.72 -4.30 6.81
C GLY A 336 12.44 -4.42 8.13
N ARG A 337 11.94 -5.32 8.99
CA ARG A 337 12.63 -5.61 10.26
C ARG A 337 14.06 -6.11 10.09
N GLU A 338 14.24 -7.03 9.15
CA GLU A 338 15.53 -7.67 8.95
C GLU A 338 16.55 -6.74 8.30
N LEU A 339 16.08 -5.93 7.35
CA LEU A 339 16.93 -4.94 6.73
C LEU A 339 17.44 -3.97 7.79
N ALA A 340 16.59 -3.60 8.74
CA ALA A 340 17.01 -2.65 9.77
C ALA A 340 18.00 -3.32 10.72
N LYS A 341 17.68 -4.55 11.14
CA LYS A 341 18.56 -5.33 12.02
C LYS A 341 19.96 -5.44 11.47
N ALA A 342 20.03 -5.86 10.21
CA ALA A 342 21.30 -6.00 9.53
C ALA A 342 22.04 -4.68 9.43
N LEU A 343 21.36 -3.62 9.02
CA LEU A 343 22.07 -2.35 8.80
C LEU A 343 22.70 -1.84 10.10
N LEU A 344 21.90 -1.82 11.18
CA LEU A 344 22.39 -1.41 12.50
C LEU A 344 23.68 -2.17 12.90
N ALA A 345 23.67 -3.47 12.67
CA ALA A 345 24.84 -4.29 13.03
C ALA A 345 26.04 -3.98 12.14
N ARG A 346 25.77 -3.70 10.87
CA ARG A 346 26.84 -3.35 9.92
C ARG A 346 27.49 -2.01 10.29
N ILE A 347 26.65 -1.05 10.68
CA ILE A 347 27.10 0.28 11.11
C ILE A 347 28.01 0.15 12.35
N ASN A 348 27.73 -0.86 13.18
CA ASN A 348 28.54 -1.12 14.37
C ASN A 348 29.64 -2.16 14.15
N GLY A 349 29.93 -2.49 12.90
CA GLY A 349 31.12 -3.25 12.56
C GLY A 349 31.03 -4.77 12.48
N ALA A 350 29.84 -5.32 12.71
CA ALA A 350 29.63 -6.75 12.48
C ALA A 350 29.94 -7.07 11.02
N PRO A 351 30.59 -8.21 10.77
CA PRO A 351 31.03 -8.58 9.41
C PRO A 351 29.82 -8.92 8.53
N PRO A 352 29.87 -8.50 7.25
CA PRO A 352 28.67 -8.57 6.39
C PRO A 352 28.16 -10.00 6.23
N GLU A 353 29.08 -10.97 6.23
CA GLU A 353 28.74 -12.38 6.04
C GLU A 353 27.76 -12.95 7.07
N THR A 354 27.72 -12.36 8.27
CA THR A 354 26.82 -12.87 9.30
C THR A 354 25.43 -12.21 9.22
N LEU A 355 25.32 -11.24 8.31
CA LEU A 355 24.14 -10.37 8.27
C LEU A 355 23.31 -10.64 7.01
N GLN A 356 23.13 -11.93 6.69
CA GLN A 356 22.48 -12.30 5.44
C GLN A 356 21.40 -13.30 5.75
N SER A 357 20.18 -13.04 5.27
CA SER A 357 19.09 -13.99 5.42
C SER A 357 18.23 -14.05 4.16
N VAL A 358 17.57 -15.18 3.97
CA VAL A 358 16.67 -15.36 2.85
C VAL A 358 15.37 -15.95 3.38
N SER A 359 14.25 -15.24 3.23
CA SER A 359 12.98 -15.80 3.72
C SER A 359 12.41 -16.79 2.69
N ARG A 360 11.73 -17.82 3.19
CA ARG A 360 11.19 -18.90 2.35
C ARG A 360 9.71 -18.66 2.05
N PRO A 361 9.22 -19.13 0.90
CA PRO A 361 7.78 -19.02 0.62
C PRO A 361 6.93 -19.74 1.66
N VAL A 362 5.87 -19.08 2.13
CA VAL A 362 4.89 -19.74 2.99
C VAL A 362 3.53 -19.67 2.32
N TRP A 363 2.86 -20.81 2.17
CA TRP A 363 1.56 -20.79 1.54
C TRP A 363 0.58 -20.10 2.46
N SER A 364 -0.24 -19.21 1.90
CA SER A 364 -1.25 -18.52 2.69
C SER A 364 -2.22 -19.54 3.29
N SER A 365 -2.52 -19.38 4.57
CA SER A 365 -3.55 -20.17 5.22
C SER A 365 -4.86 -19.99 4.47
N MET A 366 -5.12 -18.76 4.04
CA MET A 366 -6.20 -18.47 3.10
C MET A 366 -5.86 -19.13 1.77
N THR B 97 17.19 23.16 10.19
CA THR B 97 17.06 21.71 10.40
C THR B 97 16.92 20.99 9.05
N ASN B 98 16.21 21.62 8.12
CA ASN B 98 15.94 21.02 6.80
C ASN B 98 15.19 19.68 6.83
N VAL B 99 14.37 19.46 7.86
CA VAL B 99 13.65 18.21 7.98
C VAL B 99 12.16 18.45 8.12
N ILE B 100 11.37 17.72 7.33
CA ILE B 100 9.92 17.68 7.52
C ILE B 100 9.64 16.34 8.19
N ALA B 101 8.96 16.33 9.34
CA ALA B 101 8.62 15.06 9.96
C ALA B 101 7.20 14.65 9.58
N LEU B 102 7.06 13.50 8.96
CA LEU B 102 5.76 12.94 8.68
C LEU B 102 5.39 12.06 9.86
N VAL B 103 4.42 12.49 10.66
CA VAL B 103 4.06 11.66 11.82
C VAL B 103 2.90 10.73 11.46
N LEU B 104 3.15 9.43 11.51
CA LEU B 104 2.15 8.44 11.09
C LEU B 104 1.86 7.37 12.12
N SER B 105 0.57 7.12 12.38
CA SER B 105 0.18 5.93 13.14
C SER B 105 0.45 4.65 12.34
N VAL B 106 1.17 3.71 12.95
CA VAL B 106 1.48 2.41 12.34
C VAL B 106 0.21 1.62 12.04
N ASP B 107 -0.80 1.82 12.88
CA ASP B 107 -2.13 1.26 12.68
C ASP B 107 -2.88 1.93 11.53
N GLU B 108 -2.59 1.47 10.30
CA GLU B 108 -3.25 1.95 9.09
C GLU B 108 -4.00 0.78 8.47
N GLU B 109 -4.82 1.08 7.46
CA GLU B 109 -5.55 0.04 6.73
C GLU B 109 -4.67 -0.71 5.72
N LEU B 110 -5.13 -1.90 5.32
CA LEU B 110 -4.43 -2.69 4.31
C LEU B 110 -4.25 -1.87 3.04
N MET B 111 -5.37 -1.39 2.52
CA MET B 111 -5.37 -0.62 1.28
C MET B 111 -5.22 0.89 1.50
N GLY B 112 -4.27 1.27 2.36
CA GLY B 112 -3.99 2.68 2.61
C GLY B 112 -3.17 3.33 1.51
N PHE B 113 -2.37 2.54 0.79
CA PHE B 113 -1.41 3.05 -0.20
C PHE B 113 -0.59 4.22 0.33
N THR B 114 -0.15 4.08 1.58
CA THR B 114 0.52 5.17 2.30
C THR B 114 1.72 5.74 1.56
N SER B 115 2.50 4.88 0.94
CA SER B 115 3.66 5.31 0.20
C SER B 115 3.30 6.32 -0.92
N GLN B 116 2.09 6.20 -1.45
CA GLN B 116 1.60 7.12 -2.46
C GLN B 116 1.50 8.51 -1.85
N MET B 117 1.18 8.57 -0.57
CA MET B 117 1.13 9.82 0.17
C MET B 117 2.58 10.28 0.33
N VAL B 118 3.45 9.39 0.79
CA VAL B 118 4.86 9.74 0.99
C VAL B 118 5.48 10.31 -0.30
N PHE B 119 5.22 9.67 -1.43
CA PHE B 119 5.81 10.09 -2.70
C PHE B 119 5.30 11.43 -3.18
N GLY B 120 4.05 11.75 -2.85
CA GLY B 120 3.51 13.06 -3.20
C GLY B 120 4.27 14.13 -2.43
N ILE B 121 4.56 13.85 -1.16
CA ILE B 121 5.32 14.77 -0.33
C ILE B 121 6.74 14.96 -0.90
N THR B 122 7.47 13.86 -1.09
CA THR B 122 8.86 13.96 -1.57
C THR B 122 8.97 14.58 -2.98
N GLU B 123 8.01 14.28 -3.84
CA GLU B 123 7.98 14.91 -5.15
C GLU B 123 8.00 16.43 -5.04
N VAL B 124 7.31 16.98 -4.04
CA VAL B 124 7.30 18.44 -3.88
C VAL B 124 8.58 18.90 -3.18
N LEU B 125 9.08 18.07 -2.27
CA LEU B 125 10.24 18.47 -1.46
C LEU B 125 11.52 18.39 -2.29
N ALA B 126 11.47 17.66 -3.40
CA ALA B 126 12.66 17.48 -4.26
C ALA B 126 13.19 18.78 -4.86
N THR B 127 12.32 19.79 -5.03
CA THR B 127 12.78 21.08 -5.53
C THR B 127 13.28 21.97 -4.40
N THR B 128 13.44 21.39 -3.21
CA THR B 128 13.81 22.12 -2.01
C THR B 128 14.93 21.37 -1.31
N GLN B 129 15.48 21.96 -0.26
CA GLN B 129 16.59 21.31 0.45
C GLN B 129 16.11 20.46 1.64
N TYR B 130 14.79 20.24 1.70
CA TYR B 130 14.17 19.50 2.79
C TYR B 130 14.25 17.97 2.65
N HIS B 131 14.49 17.29 3.78
CA HIS B 131 14.49 15.83 3.88
C HIS B 131 13.24 15.36 4.66
N LEU B 132 12.56 14.31 4.17
CA LEU B 132 11.38 13.74 4.83
C LEU B 132 11.73 12.61 5.81
N VAL B 133 11.58 12.87 7.10
CA VAL B 133 11.76 11.81 8.11
C VAL B 133 10.41 11.18 8.40
N VAL B 134 10.30 9.86 8.31
CA VAL B 134 9.04 9.21 8.68
C VAL B 134 9.09 8.77 10.15
N THR B 135 8.19 9.28 10.95
CA THR B 135 8.11 9.07 12.39
C THR B 135 6.91 8.35 12.82
N PRO B 136 7.06 7.09 13.13
CA PRO B 136 5.86 6.30 13.44
C PRO B 136 5.42 6.50 14.88
N HIS B 137 4.20 6.13 15.18
CA HIS B 137 3.77 5.81 16.54
C HIS B 137 2.74 4.67 16.50
N THR B 138 2.68 3.85 17.54
CA THR B 138 1.95 2.59 17.55
C THR B 138 0.42 2.73 17.63
N HIS B 139 -0.05 3.61 18.52
CA HIS B 139 -1.47 3.64 18.91
C HIS B 139 -1.94 5.03 19.39
N ALA B 140 -3.04 5.08 20.13
CA ALA B 140 -3.60 6.36 20.63
C ALA B 140 -2.94 6.86 21.92
N LYS B 141 -2.48 5.91 22.75
CA LYS B 141 -1.85 6.24 24.04
C LYS B 141 -0.46 6.86 23.87
N ASP B 142 0.03 6.92 22.64
CA ASP B 142 1.32 7.55 22.37
C ASP B 142 1.27 8.58 21.23
N SER B 143 0.06 8.92 20.78
CA SER B 143 -0.20 9.95 19.74
C SER B 143 0.58 11.25 19.93
N MET B 144 0.59 11.76 21.16
CA MET B 144 1.27 13.02 21.48
C MET B 144 2.77 12.79 21.66
N VAL B 145 3.19 11.54 21.83
CA VAL B 145 4.61 11.25 22.09
C VAL B 145 5.57 11.75 20.99
N PRO B 146 5.30 11.41 19.70
CA PRO B 146 6.26 11.93 18.73
C PRO B 146 6.18 13.46 18.63
N ILE B 147 5.00 14.03 18.88
CA ILE B 147 4.80 15.47 18.79
C ILE B 147 5.61 16.22 19.88
N ARG B 148 5.53 15.73 21.12
CA ARG B 148 6.33 16.27 22.22
C ARG B 148 7.82 16.09 21.94
N TYR B 149 8.17 14.92 21.39
CA TYR B 149 9.57 14.59 21.11
C TYR B 149 10.19 15.45 20.00
N ILE B 150 9.44 15.71 18.94
CA ILE B 150 9.92 16.61 17.88
C ILE B 150 10.27 17.98 18.49
N LEU B 151 9.37 18.52 19.31
CA LEU B 151 9.58 19.85 19.88
C LEU B 151 10.61 19.92 21.02
N GLU B 152 10.69 18.86 21.81
CA GLU B 152 11.73 18.73 22.84
C GLU B 152 13.12 18.66 22.19
N THR B 153 13.21 17.90 21.11
CA THR B 153 14.47 17.70 20.38
C THR B 153 14.77 18.81 19.38
N GLY B 154 13.74 19.54 18.94
CA GLY B 154 13.89 20.51 17.86
C GLY B 154 14.41 19.84 16.59
N SER B 155 13.87 18.66 16.28
CA SER B 155 14.43 17.82 15.22
C SER B 155 13.78 18.00 13.84
N ALA B 156 12.88 18.98 13.73
CA ALA B 156 12.16 19.23 12.48
C ALA B 156 11.79 20.71 12.34
N ASP B 157 11.65 21.18 11.10
CA ASP B 157 11.24 22.55 10.83
C ASP B 157 9.74 22.63 10.63
N GLY B 158 9.13 21.48 10.38
CA GLY B 158 7.68 21.39 10.19
C GLY B 158 7.18 19.97 10.32
N VAL B 159 5.90 19.82 10.67
CA VAL B 159 5.37 18.50 10.96
C VAL B 159 4.15 18.23 10.09
N ILE B 160 3.98 17.00 9.62
CA ILE B 160 2.72 16.64 8.98
C ILE B 160 2.02 15.64 9.90
N ILE B 161 0.75 15.86 10.26
CA ILE B 161 0.02 14.88 11.05
C ILE B 161 -1.29 14.51 10.36
N SER B 162 -1.92 13.43 10.83
CA SER B 162 -3.23 13.07 10.31
C SER B 162 -4.04 12.40 11.41
N LYS B 163 -5.15 11.77 11.03
CA LYS B 163 -6.08 11.20 12.00
C LYS B 163 -6.53 12.33 12.91
N ILE B 164 -7.07 13.38 12.32
CA ILE B 164 -7.35 14.60 13.05
C ILE B 164 -8.68 14.51 13.82
N GLU B 165 -8.64 14.86 15.10
CA GLU B 165 -9.84 14.98 15.94
C GLU B 165 -10.33 16.42 15.84
N PRO B 166 -11.64 16.65 16.08
CA PRO B 166 -12.13 18.04 16.06
C PRO B 166 -11.41 18.91 17.11
N ASN B 167 -11.20 18.37 18.31
CA ASN B 167 -10.41 19.05 19.35
C ASN B 167 -9.09 18.32 19.56
N ASP B 168 -8.17 18.55 18.61
CA ASP B 168 -6.92 17.79 18.56
C ASP B 168 -5.82 18.44 19.38
N PRO B 169 -5.32 17.71 20.39
CA PRO B 169 -4.28 18.19 21.32
C PRO B 169 -2.99 18.48 20.57
N ARG B 170 -2.66 17.66 19.57
CA ARG B 170 -1.47 17.89 18.77
C ARG B 170 -1.54 19.27 18.12
N VAL B 171 -2.63 19.55 17.42
CA VAL B 171 -2.84 20.87 16.80
C VAL B 171 -2.70 22.03 17.79
N ARG B 172 -3.32 21.90 18.97
CA ARG B 172 -3.26 22.95 19.98
C ARG B 172 -1.82 23.14 20.47
N PHE B 173 -1.18 22.03 20.83
CA PHE B 173 0.21 22.00 21.26
C PHE B 173 1.17 22.65 20.24
N MET B 174 1.05 22.28 18.97
CA MET B 174 1.98 22.84 17.97
C MET B 174 1.67 24.31 17.67
N THR B 175 0.38 24.67 17.66
CA THR B 175 0.00 26.07 17.51
C THR B 175 0.63 26.92 18.63
N GLU B 176 0.44 26.50 19.87
CA GLU B 176 1.04 27.18 21.03
C GLU B 176 2.57 27.27 20.93
N ARG B 177 3.22 26.19 20.51
CA ARG B 177 4.67 26.15 20.56
C ARG B 177 5.32 26.69 19.29
N LYS B 178 4.50 27.22 18.38
CA LYS B 178 4.98 27.81 17.13
C LYS B 178 5.77 26.85 16.22
N MET B 179 5.37 25.59 16.18
CA MET B 179 5.96 24.63 15.25
C MET B 179 5.11 24.61 13.98
N PRO B 180 5.67 25.06 12.84
CA PRO B 180 4.92 24.95 11.58
C PRO B 180 4.39 23.53 11.38
N PHE B 181 3.13 23.38 11.01
CA PHE B 181 2.55 22.06 10.75
C PHE B 181 1.44 22.14 9.71
N VAL B 182 1.04 20.98 9.17
CA VAL B 182 -0.09 20.93 8.26
C VAL B 182 -0.82 19.67 8.62
N THR B 183 -2.15 19.66 8.52
CA THR B 183 -2.87 18.47 8.90
C THR B 183 -3.49 17.83 7.68
N HIS B 184 -3.50 16.50 7.66
CA HIS B 184 -4.28 15.79 6.66
C HIS B 184 -5.60 15.48 7.32
N GLY B 185 -6.58 16.37 7.12
CA GLY B 185 -7.80 16.36 7.92
C GLY B 185 -8.04 17.79 8.40
N ARG B 186 -9.12 18.03 9.10
CA ARG B 186 -9.43 19.33 9.63
C ARG B 186 -9.85 19.24 11.09
N SER B 187 -9.32 20.15 11.92
CA SER B 187 -9.83 20.29 13.30
C SER B 187 -11.03 21.24 13.30
N ASP B 188 -11.68 21.44 14.46
CA ASP B 188 -12.81 22.36 14.52
C ASP B 188 -12.84 22.97 15.92
N MET B 189 -11.86 23.85 16.18
CA MET B 189 -11.59 24.28 17.54
C MET B 189 -11.13 25.73 17.55
N GLY B 190 -11.50 26.48 16.53
CA GLY B 190 -11.18 27.90 16.49
C GLY B 190 -9.73 28.21 16.16
N ILE B 191 -9.00 27.22 15.70
CA ILE B 191 -7.61 27.42 15.26
C ILE B 191 -7.48 27.27 13.75
N GLU B 192 -7.08 28.37 13.09
CA GLU B 192 -6.79 28.36 11.66
C GLU B 192 -5.36 27.85 11.40
N HIS B 193 -5.24 26.67 10.78
CA HIS B 193 -3.93 26.12 10.42
C HIS B 193 -3.97 25.58 8.99
N ALA B 194 -2.79 25.40 8.37
CA ALA B 194 -2.74 24.77 7.05
C ALA B 194 -3.36 23.38 7.09
N TYR B 195 -4.10 23.02 6.05
CA TYR B 195 -4.63 21.65 5.97
C TYR B 195 -4.97 21.22 4.56
N HIS B 196 -5.03 19.91 4.35
CA HIS B 196 -5.67 19.38 3.17
C HIS B 196 -6.58 18.25 3.63
N ASP B 197 -7.77 18.17 3.07
CA ASP B 197 -8.68 17.11 3.48
C ASP B 197 -9.47 16.63 2.29
N PHE B 198 -10.12 15.48 2.45
CA PHE B 198 -11.01 14.95 1.43
C PHE B 198 -12.42 15.22 1.92
N ASP B 199 -13.35 15.54 1.02
CA ASP B 199 -14.70 15.93 1.46
C ASP B 199 -15.52 14.68 1.81
N ASN B 200 -15.33 14.14 3.01
CA ASN B 200 -16.05 12.92 3.36
C ASN B 200 -17.56 13.12 3.46
N GLU B 201 -17.97 14.33 3.85
CA GLU B 201 -19.40 14.65 3.87
C GLU B 201 -19.99 14.51 2.49
N ALA B 202 -19.40 15.21 1.52
CA ALA B 202 -19.90 15.14 0.14
C ALA B 202 -19.85 13.72 -0.41
N TYR B 203 -18.87 12.92 0.01
CA TYR B 203 -18.78 11.56 -0.49
C TYR B 203 -19.96 10.72 0.03
N ALA B 204 -20.23 10.81 1.33
CA ALA B 204 -21.29 9.98 1.91
C ALA B 204 -22.66 10.41 1.37
N TYR B 205 -22.81 11.71 1.12
CA TYR B 205 -24.04 12.26 0.55
C TYR B 205 -24.23 11.77 -0.87
N GLU B 206 -23.20 11.92 -1.71
CA GLU B 206 -23.27 11.42 -3.09
C GLU B 206 -23.33 9.89 -3.13
N ALA B 207 -22.75 9.22 -2.14
CA ALA B 207 -22.93 7.78 -2.00
C ALA B 207 -24.41 7.38 -1.89
N VAL B 208 -25.12 8.00 -0.94
CA VAL B 208 -26.52 7.69 -0.68
C VAL B 208 -27.37 7.98 -1.92
N GLU B 209 -27.07 9.11 -2.57
CA GLU B 209 -27.76 9.49 -3.80
C GLU B 209 -27.63 8.40 -4.86
N ARG B 210 -26.40 7.97 -5.11
CA ARG B 210 -26.11 6.96 -6.12
C ARG B 210 -26.86 5.67 -5.83
N LEU B 211 -26.94 5.30 -4.55
CA LEU B 211 -27.65 4.09 -4.18
C LEU B 211 -29.16 4.26 -4.40
N ALA B 212 -29.67 5.43 -4.04
CA ALA B 212 -31.06 5.78 -4.31
C ALA B 212 -31.35 5.68 -5.81
N GLN B 213 -30.45 6.24 -6.62
CA GLN B 213 -30.60 6.20 -8.08
C GLN B 213 -30.67 4.77 -8.60
N CYS B 214 -29.95 3.86 -7.92
CA CYS B 214 -29.98 2.45 -8.29
C CYS B 214 -31.23 1.74 -7.73
N GLY B 215 -32.18 2.53 -7.21
CA GLY B 215 -33.42 1.99 -6.70
C GLY B 215 -33.36 1.35 -5.31
N ARG B 216 -32.27 1.60 -4.59
CA ARG B 216 -32.09 1.02 -3.27
C ARG B 216 -32.87 1.78 -2.20
N LYS B 217 -33.42 1.05 -1.22
CA LYS B 217 -34.31 1.64 -0.22
C LYS B 217 -33.77 1.68 1.21
N ARG B 218 -32.89 0.74 1.56
CA ARG B 218 -32.40 0.65 2.94
C ARG B 218 -30.87 0.59 3.01
N ILE B 219 -30.27 1.71 3.42
CA ILE B 219 -28.83 1.89 3.29
C ILE B 219 -28.07 1.83 4.61
N ALA B 220 -27.02 1.01 4.66
CA ALA B 220 -26.15 0.96 5.82
C ALA B 220 -24.86 1.68 5.50
N ILE B 221 -24.17 2.15 6.54
CA ILE B 221 -22.86 2.77 6.40
C ILE B 221 -21.91 2.23 7.47
N ILE B 222 -20.64 2.10 7.09
CA ILE B 222 -19.56 1.69 7.99
C ILE B 222 -18.65 2.91 8.10
N VAL B 223 -18.57 3.47 9.29
CA VAL B 223 -17.89 4.75 9.51
C VAL B 223 -16.65 4.53 10.40
N PRO B 224 -15.73 5.53 10.48
CA PRO B 224 -14.57 5.42 11.40
C PRO B 224 -14.97 5.47 12.88
N PRO B 225 -14.00 5.29 13.79
CA PRO B 225 -14.23 5.60 15.21
C PRO B 225 -14.69 7.05 15.37
N SER B 226 -15.61 7.30 16.30
CA SER B 226 -16.24 8.61 16.42
C SER B 226 -15.28 9.73 16.76
N ARG B 227 -14.12 9.40 17.32
CA ARG B 227 -13.22 10.45 17.81
C ARG B 227 -12.62 11.31 16.69
N PHE B 228 -12.49 10.74 15.49
CA PHE B 228 -11.86 11.43 14.37
C PHE B 228 -12.87 12.30 13.64
N ALA B 229 -12.46 13.50 13.24
CA ALA B 229 -13.36 14.43 12.55
C ALA B 229 -14.00 13.88 11.26
N PHE B 230 -13.25 13.15 10.43
CA PHE B 230 -13.86 12.63 9.21
C PHE B 230 -15.06 11.66 9.43
N HIS B 231 -15.11 10.99 10.59
CA HIS B 231 -16.29 10.22 10.98
C HIS B 231 -17.54 11.10 10.99
N ASP B 232 -17.44 12.25 11.68
CA ASP B 232 -18.54 13.20 11.78
C ASP B 232 -18.91 13.81 10.43
N HIS B 233 -17.94 13.87 9.53
CA HIS B 233 -18.21 14.45 8.22
C HIS B 233 -19.03 13.45 7.44
N ALA B 234 -18.58 12.20 7.45
CA ALA B 234 -19.24 11.11 6.76
C ALA B 234 -20.65 10.86 7.34
N ARG B 235 -20.76 10.71 8.65
CA ARG B 235 -22.02 10.44 9.27
C ARG B 235 -23.06 11.54 8.97
N LYS B 236 -22.58 12.76 8.86
CA LYS B 236 -23.39 13.93 8.50
C LYS B 236 -23.90 13.89 7.08
N GLY B 237 -22.99 13.55 6.15
CA GLY B 237 -23.34 13.53 4.74
C GLY B 237 -24.34 12.42 4.54
N PHE B 238 -24.11 11.30 5.21
CA PHE B 238 -25.01 10.15 5.12
C PHE B 238 -26.41 10.51 5.66
N THR B 239 -26.46 11.14 6.83
CA THR B 239 -27.69 11.53 7.49
C THR B 239 -28.50 12.47 6.62
N ARG B 240 -27.91 13.54 6.11
CA ARG B 240 -28.56 14.43 5.14
C ARG B 240 -29.07 13.67 3.90
N GLY B 241 -28.26 12.75 3.41
CA GLY B 241 -28.59 11.97 2.22
C GLY B 241 -29.80 11.06 2.38
N ILE B 242 -29.91 10.40 3.53
CA ILE B 242 -31.03 9.50 3.78
C ILE B 242 -32.35 10.29 3.74
N ARG B 243 -32.32 11.50 4.32
CA ARG B 243 -33.45 12.43 4.27
C ARG B 243 -33.73 12.95 2.85
N ASP B 244 -32.71 13.50 2.19
CA ASP B 244 -32.90 14.17 0.89
C ASP B 244 -33.32 13.24 -0.25
N PHE B 245 -33.07 11.96 -0.10
CA PHE B 245 -33.27 11.02 -1.21
C PHE B 245 -34.34 10.00 -0.86
N GLY B 246 -35.12 10.35 0.16
CA GLY B 246 -36.32 9.61 0.53
C GLY B 246 -36.06 8.13 0.64
N VAL B 247 -34.99 7.77 1.34
CA VAL B 247 -34.72 6.38 1.65
C VAL B 247 -34.57 6.24 3.17
N SER B 248 -34.27 5.02 3.62
CA SER B 248 -34.19 4.76 5.04
C SER B 248 -32.82 4.16 5.38
N GLU B 249 -32.29 4.49 6.55
CA GLU B 249 -31.05 3.88 7.02
C GLU B 249 -31.28 2.47 7.59
N PHE B 250 -30.44 1.53 7.21
CA PHE B 250 -30.34 0.25 7.90
C PHE B 250 -29.36 0.43 9.05
N PRO B 251 -29.84 0.24 10.29
CA PRO B 251 -28.96 0.52 11.42
C PRO B 251 -27.83 -0.51 11.58
N LEU B 252 -26.65 0.01 11.89
CA LEU B 252 -25.43 -0.78 12.01
C LEU B 252 -24.53 -0.11 13.04
N ASP B 253 -23.98 -0.90 13.95
CA ASP B 253 -23.11 -0.38 15.00
C ASP B 253 -22.12 -1.44 15.47
N ALA B 254 -22.20 -2.61 14.85
CA ALA B 254 -21.32 -3.73 15.20
C ALA B 254 -19.86 -3.51 14.81
N ILE B 255 -19.63 -2.75 13.74
CA ILE B 255 -18.27 -2.60 13.23
C ILE B 255 -17.93 -1.19 12.77
N THR B 256 -16.62 -0.95 12.62
CA THR B 256 -16.11 0.29 12.06
C THR B 256 -15.08 -0.05 10.96
N ILE B 257 -14.48 0.96 10.33
CA ILE B 257 -13.46 0.72 9.30
C ILE B 257 -12.08 0.36 9.89
N GLU B 258 -12.00 0.38 11.23
CA GLU B 258 -10.77 0.00 11.94
C GLU B 258 -10.91 -1.38 12.59
N THR B 259 -12.11 -1.96 12.50
CA THR B 259 -12.38 -3.33 12.94
C THR B 259 -11.70 -4.32 11.98
N PRO B 260 -11.02 -5.35 12.52
CA PRO B 260 -10.26 -6.35 11.75
C PRO B 260 -11.03 -6.98 10.56
N LEU B 261 -10.35 -7.20 9.44
CA LEU B 261 -11.01 -7.61 8.19
C LEU B 261 -11.73 -8.96 8.27
N ASP B 262 -11.09 -9.94 8.89
CA ASP B 262 -11.71 -11.24 9.05
C ASP B 262 -13.06 -11.11 9.79
N LYS B 263 -13.11 -10.23 10.79
CA LYS B 263 -14.34 -9.98 11.54
C LYS B 263 -15.37 -9.20 10.70
N ILE B 264 -14.89 -8.32 9.81
CA ILE B 264 -15.77 -7.61 8.88
C ILE B 264 -16.43 -8.61 7.93
N ARG B 265 -15.60 -9.50 7.35
CA ARG B 265 -16.08 -10.56 6.46
C ARG B 265 -17.14 -11.42 7.16
N ASP B 266 -16.78 -11.98 8.32
CA ASP B 266 -17.76 -12.75 9.10
C ASP B 266 -19.05 -11.95 9.34
N PHE B 267 -18.92 -10.66 9.65
CA PHE B 267 -20.08 -9.79 9.87
C PHE B 267 -20.90 -9.64 8.58
N GLY B 268 -20.21 -9.56 7.45
CA GLY B 268 -20.90 -9.35 6.19
C GLY B 268 -21.69 -10.58 5.77
N LYS B 269 -21.18 -11.75 6.14
CA LYS B 269 -21.83 -13.01 5.80
C LYS B 269 -23.11 -13.21 6.59
N ARG B 270 -23.00 -13.08 7.92
CA ARG B 270 -24.15 -13.19 8.83
C ARG B 270 -25.18 -12.11 8.56
N LEU B 271 -24.73 -11.00 7.99
CA LEU B 271 -25.64 -9.89 7.68
C LEU B 271 -26.56 -10.29 6.53
N MET B 272 -25.99 -10.97 5.53
CA MET B 272 -26.77 -11.40 4.38
C MET B 272 -27.54 -12.70 4.65
N GLN B 273 -27.12 -13.45 5.66
CA GLN B 273 -27.86 -14.65 6.06
C GLN B 273 -29.11 -14.31 6.87
N SER B 274 -29.19 -13.08 7.33
CA SER B 274 -30.34 -12.60 8.10
C SER B 274 -31.56 -12.38 7.21
N ASP B 275 -32.72 -12.21 7.82
CA ASP B 275 -33.94 -11.88 7.10
C ASP B 275 -34.13 -10.37 7.06
N ASP B 276 -33.35 -9.67 7.88
CA ASP B 276 -33.26 -8.22 7.80
C ASP B 276 -31.92 -7.86 7.14
N ARG B 277 -31.98 -7.51 5.87
CA ARG B 277 -30.79 -7.11 5.13
C ARG B 277 -30.97 -5.73 4.55
N PRO B 278 -29.89 -4.94 4.54
CA PRO B 278 -29.86 -3.69 3.77
C PRO B 278 -29.74 -4.07 2.30
N ASP B 279 -30.11 -3.16 1.39
CA ASP B 279 -29.87 -3.43 -0.02
C ASP B 279 -28.82 -2.49 -0.60
N GLY B 280 -28.36 -1.53 0.22
CA GLY B 280 -27.25 -0.66 -0.14
C GLY B 280 -26.23 -0.48 0.99
N ILE B 281 -24.96 -0.31 0.62
CA ILE B 281 -23.90 -0.08 1.61
C ILE B 281 -23.08 1.15 1.24
N VAL B 282 -22.83 2.02 2.22
CA VAL B 282 -21.83 3.07 2.05
C VAL B 282 -20.59 2.72 2.89
N SER B 283 -19.46 2.52 2.23
CA SER B 283 -18.22 2.27 2.95
C SER B 283 -17.24 3.45 2.91
N ILE B 284 -16.59 3.75 4.03
CA ILE B 284 -15.64 4.84 4.12
C ILE B 284 -14.18 4.30 4.11
N SER B 285 -14.03 3.07 3.58
CA SER B 285 -12.72 2.41 3.51
C SER B 285 -12.71 1.32 2.45
N GLY B 286 -11.72 1.39 1.56
CA GLY B 286 -11.54 0.38 0.53
C GLY B 286 -11.20 -0.95 1.16
N SER B 287 -10.53 -0.92 2.31
CA SER B 287 -10.12 -2.15 2.99
C SER B 287 -11.33 -2.91 3.56
N SER B 288 -12.20 -2.18 4.27
CA SER B 288 -13.40 -2.80 4.83
C SER B 288 -14.25 -3.41 3.72
N THR B 289 -14.40 -2.65 2.63
CA THR B 289 -15.21 -3.04 1.47
C THR B 289 -14.82 -4.40 0.94
N ILE B 290 -13.52 -4.58 0.71
CA ILE B 290 -12.97 -5.86 0.27
C ILE B 290 -13.44 -7.01 1.18
N ALA B 291 -13.19 -6.89 2.47
CA ALA B 291 -13.63 -7.91 3.44
C ALA B 291 -15.14 -8.07 3.40
N LEU B 292 -15.83 -6.94 3.23
CA LEU B 292 -17.28 -6.90 3.23
C LEU B 292 -17.83 -7.73 2.08
N VAL B 293 -17.33 -7.45 0.88
CA VAL B 293 -17.76 -8.15 -0.31
C VAL B 293 -17.50 -9.66 -0.19
N ALA B 294 -16.33 -10.02 0.32
CA ALA B 294 -15.98 -11.43 0.51
C ALA B 294 -17.01 -12.13 1.41
N GLY B 295 -17.48 -11.42 2.43
CA GLY B 295 -18.51 -11.96 3.31
C GLY B 295 -19.85 -12.10 2.62
N PHE B 296 -20.17 -11.13 1.74
CA PHE B 296 -21.44 -11.14 1.01
C PHE B 296 -21.44 -12.33 0.05
N GLU B 297 -20.40 -12.42 -0.73
CA GLU B 297 -20.28 -13.47 -1.66
C GLU B 297 -20.35 -14.85 -1.04
N ALA B 298 -19.76 -15.05 0.10
CA ALA B 298 -19.84 -16.33 0.81
C ALA B 298 -21.27 -16.67 1.24
N ALA B 299 -22.17 -15.69 1.19
CA ALA B 299 -23.58 -15.93 1.51
C ALA B 299 -24.42 -16.02 0.24
N GLY B 300 -23.77 -16.24 -0.90
CA GLY B 300 -24.47 -16.37 -2.16
C GLY B 300 -25.07 -15.07 -2.67
N VAL B 301 -24.52 -13.94 -2.22
CA VAL B 301 -25.01 -12.63 -2.62
C VAL B 301 -24.17 -12.03 -3.75
N ARG B 302 -24.85 -11.53 -4.77
CA ARG B 302 -24.18 -11.01 -5.97
C ARG B 302 -24.13 -9.49 -5.96
N ILE B 303 -22.91 -8.96 -6.10
CA ILE B 303 -22.68 -7.52 -6.09
C ILE B 303 -23.33 -6.88 -7.30
N GLY B 304 -24.38 -6.10 -7.09
CA GLY B 304 -25.03 -5.37 -8.17
C GLY B 304 -26.46 -5.81 -8.45
N LYS B 305 -26.80 -7.05 -8.08
CA LYS B 305 -28.17 -7.53 -8.22
C LYS B 305 -28.87 -7.51 -6.86
N ASP B 306 -28.32 -8.27 -5.91
CA ASP B 306 -28.93 -8.42 -4.59
C ASP B 306 -28.68 -7.21 -3.66
N ILE B 307 -27.58 -6.50 -3.90
CA ILE B 307 -27.19 -5.34 -3.10
C ILE B 307 -26.20 -4.47 -3.89
N ASP B 308 -26.28 -3.15 -3.69
CA ASP B 308 -25.29 -2.25 -4.29
C ASP B 308 -24.35 -1.64 -3.22
N ILE B 309 -23.13 -1.31 -3.64
CA ILE B 309 -22.09 -0.87 -2.73
C ILE B 309 -21.36 0.34 -3.28
N VAL B 310 -21.32 1.42 -2.50
CA VAL B 310 -20.44 2.54 -2.83
C VAL B 310 -19.26 2.53 -1.87
N SER B 311 -18.06 2.70 -2.41
CA SER B 311 -16.87 2.69 -1.57
C SER B 311 -15.85 3.73 -2.02
N LYS B 312 -15.24 4.42 -1.05
CA LYS B 312 -14.02 5.19 -1.31
C LYS B 312 -12.89 4.19 -1.62
N GLN B 313 -11.86 4.67 -2.31
CA GLN B 313 -10.58 3.94 -2.39
C GLN B 313 -9.43 4.93 -2.56
N SER B 314 -8.28 4.63 -1.98
CA SER B 314 -7.15 5.56 -2.04
C SER B 314 -6.23 5.34 -3.26
N ALA B 315 -6.56 4.32 -4.05
CA ALA B 315 -5.96 4.12 -5.37
C ALA B 315 -6.95 3.29 -6.17
N GLU B 316 -6.75 3.18 -7.48
CA GLU B 316 -7.70 2.45 -8.33
C GLU B 316 -7.54 0.93 -8.23
N PHE B 317 -8.29 0.28 -7.35
CA PHE B 317 -8.11 -1.16 -7.20
C PHE B 317 -9.39 -2.00 -7.14
N LEU B 318 -10.47 -1.43 -6.59
CA LEU B 318 -11.69 -2.20 -6.27
C LEU B 318 -12.37 -2.79 -7.50
N ASN B 319 -12.24 -2.13 -8.66
CA ASN B 319 -12.99 -2.58 -9.83
C ASN B 319 -12.38 -3.75 -10.60
N TRP B 320 -11.09 -4.00 -10.42
CA TRP B 320 -10.44 -5.13 -11.08
C TRP B 320 -11.14 -6.37 -10.57
N ILE B 321 -11.11 -6.52 -9.25
CA ILE B 321 -11.76 -7.62 -8.56
C ILE B 321 -13.24 -7.62 -8.77
N GLN B 322 -13.87 -6.55 -8.29
CA GLN B 322 -15.32 -6.39 -8.27
C GLN B 322 -15.78 -5.19 -9.03
N PRO B 323 -16.07 -5.35 -10.33
CA PRO B 323 -16.41 -4.32 -11.31
C PRO B 323 -17.71 -3.60 -10.96
N GLN B 324 -18.55 -4.26 -10.17
CA GLN B 324 -19.87 -3.71 -9.86
C GLN B 324 -19.91 -2.77 -8.64
N ILE B 325 -18.78 -2.63 -7.93
CA ILE B 325 -18.67 -1.69 -6.82
C ILE B 325 -18.65 -0.24 -7.35
N HIS B 326 -19.50 0.65 -6.81
CA HIS B 326 -19.52 2.06 -7.24
C HIS B 326 -18.42 2.85 -6.56
N THR B 327 -17.32 3.04 -7.27
CA THR B 327 -16.09 3.53 -6.66
C THR B 327 -15.89 5.03 -6.75
N VAL B 328 -15.44 5.60 -5.64
CA VAL B 328 -15.04 7.00 -5.59
C VAL B 328 -13.55 7.04 -5.25
N ASN B 329 -12.79 7.79 -6.02
CA ASN B 329 -11.36 7.95 -5.80
C ASN B 329 -10.99 9.10 -4.87
N GLU B 330 -10.33 8.77 -3.77
CA GLU B 330 -9.63 9.76 -2.96
C GLU B 330 -8.18 9.79 -3.42
N ASP B 331 -7.73 10.93 -3.92
CA ASP B 331 -6.37 11.03 -4.47
C ASP B 331 -5.31 11.30 -3.39
N ILE B 332 -4.72 10.22 -2.88
CA ILE B 332 -3.77 10.26 -1.78
C ILE B 332 -2.42 10.86 -2.21
N LYS B 333 -2.04 10.67 -3.48
CA LYS B 333 -0.81 11.28 -4.00
C LYS B 333 -0.97 12.80 -4.08
N LEU B 334 -2.10 13.24 -4.61
CA LEU B 334 -2.43 14.67 -4.58
C LEU B 334 -2.45 15.19 -3.14
N ALA B 335 -3.09 14.45 -2.24
CA ALA B 335 -3.06 14.82 -0.83
C ALA B 335 -1.62 15.09 -0.36
N GLY B 336 -0.73 14.12 -0.62
CA GLY B 336 0.68 14.28 -0.27
C GLY B 336 1.30 15.54 -0.83
N ARG B 337 1.05 15.78 -2.13
CA ARG B 337 1.48 17.03 -2.77
C ARG B 337 0.99 18.28 -2.04
N GLU B 338 -0.29 18.29 -1.69
CA GLU B 338 -0.90 19.49 -1.09
C GLU B 338 -0.41 19.74 0.34
N LEU B 339 -0.25 18.64 1.09
CA LEU B 339 0.30 18.71 2.42
C LEU B 339 1.69 19.35 2.36
N ALA B 340 2.49 18.90 1.39
CA ALA B 340 3.87 19.39 1.30
C ALA B 340 3.93 20.88 0.93
N LYS B 341 3.17 21.29 -0.05
CA LYS B 341 3.16 22.68 -0.50
C LYS B 341 2.71 23.62 0.59
N ALA B 342 1.68 23.20 1.28
CA ALA B 342 1.12 24.01 2.35
C ALA B 342 2.12 24.17 3.47
N LEU B 343 2.79 23.07 3.84
CA LEU B 343 3.74 23.13 4.94
C LEU B 343 4.93 24.00 4.57
N LEU B 344 5.43 23.83 3.34
CA LEU B 344 6.52 24.68 2.85
C LEU B 344 6.14 26.15 2.97
N ALA B 345 4.99 26.53 2.43
CA ALA B 345 4.55 27.94 2.51
C ALA B 345 4.35 28.41 3.93
N ARG B 346 3.91 27.50 4.81
CA ARG B 346 3.66 27.87 6.21
C ARG B 346 4.99 28.13 6.93
N ILE B 347 5.97 27.29 6.63
CA ILE B 347 7.33 27.45 7.14
C ILE B 347 7.95 28.80 6.75
N ASN B 348 7.65 29.25 5.53
CA ASN B 348 8.16 30.54 5.03
C ASN B 348 7.21 31.72 5.30
N GLY B 349 6.32 31.56 6.28
CA GLY B 349 5.53 32.68 6.77
C GLY B 349 4.08 32.87 6.31
N ALA B 350 3.70 32.25 5.20
CA ALA B 350 2.35 32.43 4.63
C ALA B 350 1.23 32.19 5.65
N PRO B 351 0.15 33.01 5.59
CA PRO B 351 -0.93 32.92 6.58
C PRO B 351 -1.69 31.60 6.43
N PRO B 352 -2.05 30.94 7.55
CA PRO B 352 -2.60 29.58 7.44
C PRO B 352 -3.97 29.55 6.75
N GLU B 353 -4.81 30.55 7.02
CA GLU B 353 -6.11 30.71 6.34
C GLU B 353 -6.02 30.54 4.81
N THR B 354 -4.84 30.78 4.24
CA THR B 354 -4.70 30.71 2.79
C THR B 354 -4.16 29.34 2.31
N LEU B 355 -3.87 28.46 3.26
CA LEU B 355 -3.22 27.19 2.96
C LEU B 355 -4.17 26.04 3.29
N GLN B 356 -5.41 26.16 2.82
CA GLN B 356 -6.44 25.18 3.18
C GLN B 356 -7.15 24.75 1.91
N SER B 357 -7.30 23.43 1.74
CA SER B 357 -7.98 22.92 0.57
C SER B 357 -8.69 21.63 0.93
N VAL B 358 -9.74 21.34 0.17
CA VAL B 358 -10.49 20.11 0.35
C VAL B 358 -10.70 19.57 -1.05
N SER B 359 -10.39 18.30 -1.28
CA SER B 359 -10.66 17.73 -2.60
C SER B 359 -12.07 17.12 -2.57
N ARG B 360 -12.73 17.09 -3.73
CA ARG B 360 -14.10 16.58 -3.81
C ARG B 360 -14.11 15.13 -4.32
N PRO B 361 -15.16 14.38 -3.96
CA PRO B 361 -15.35 13.01 -4.48
C PRO B 361 -15.30 12.99 -6.00
N VAL B 362 -14.47 12.12 -6.57
CA VAL B 362 -14.50 11.93 -8.02
C VAL B 362 -14.89 10.50 -8.33
N TRP B 363 -15.94 10.34 -9.12
CA TRP B 363 -16.42 9.02 -9.46
C TRP B 363 -15.41 8.35 -10.39
N SER B 364 -14.97 7.16 -10.00
CA SER B 364 -14.00 6.40 -10.77
C SER B 364 -14.57 6.04 -12.13
N SER B 365 -13.71 6.10 -13.15
CA SER B 365 -14.11 5.76 -14.51
C SER B 365 -14.36 4.25 -14.66
N MET B 366 -13.68 3.46 -13.82
CA MET B 366 -13.89 2.02 -13.77
C MET B 366 -15.19 1.63 -13.05
N ALA B 367 -15.90 2.62 -12.51
CA ALA B 367 -17.18 2.37 -11.81
C ALA B 367 -18.34 2.37 -12.80
N PRO B 368 -19.40 1.58 -12.49
CA PRO B 368 -20.67 1.52 -13.26
C PRO B 368 -21.21 2.87 -13.71
#